data_3C7J
#
_entry.id   3C7J
#
_cell.length_a   55.954
_cell.length_b   132.768
_cell.length_c   170.461
_cell.angle_alpha   90.000
_cell.angle_beta   90.000
_cell.angle_gamma   90.000
#
_symmetry.space_group_name_H-M   'C 2 2 21'
#
loop_
_entity.id
_entity.type
_entity.pdbx_description
1 polymer 'Transcriptional regulator, GntR family'
2 non-polymer 'NICKEL (II) ION'
3 water water
#
_entity_poly.entity_id   1
_entity_poly.type   'polypeptide(L)'
_entity_poly.pdbx_seq_one_letter_code
;SNA(MSE)RKSDREAFLSSVLGNEQPPAHLARTVIEEKLRNAIIDGSLPSGTALRQQELATLFGVSR(MSE)PVREALRQ
LEAQSLLRVETHKGAVVAPLITEDAVDAYALRILLESEALRLSIPLLDADDLAAAASYIEQLEVETDFGQIGRLNR
(MSE)FHLSLYAKTHNKRL(MSE)RLVEEGLNEEERFLRFNLSS(MSE)GLGKLSQDDHWQLLRLAEQKAVEPCVEALQY
HLNRGVQAVTQYLQSQKAGNV
;
_entity_poly.pdbx_strand_id   A,B
#
loop_
_chem_comp.id
_chem_comp.type
_chem_comp.name
_chem_comp.formula
NI non-polymer 'NICKEL (II) ION' 'Ni 2'
#
# COMPACT_ATOMS: atom_id res chain seq x y z
N SER A 1 11.58 6.14 26.69
CA SER A 1 12.33 4.91 27.09
CA SER A 1 12.16 4.82 27.08
C SER A 1 12.31 4.71 28.61
N ASN A 2 12.77 3.53 29.07
CA ASN A 2 12.88 3.21 30.51
C ASN A 2 14.30 2.82 30.87
N ALA A 3 14.59 2.57 32.15
CA ALA A 3 15.97 2.38 32.60
C ALA A 3 16.68 1.23 31.88
N MSE A 4 15.96 0.12 31.67
CA MSE A 4 16.56 -1.09 31.12
C MSE A 4 16.93 -0.93 29.65
O MSE A 4 18.05 -1.25 29.26
CB MSE A 4 15.61 -2.28 31.27
CG MSE A 4 16.25 -3.60 30.89
SE MSE A 4 17.72 -4.10 32.10
CE MSE A 4 16.69 -4.31 33.80
N ARG A 5 15.98 -0.40 28.87
CA ARG A 5 16.18 -0.16 27.43
C ARG A 5 17.27 0.85 27.19
N LYS A 6 17.25 1.92 27.96
CA LYS A 6 18.27 2.97 27.89
C LYS A 6 19.63 2.36 28.18
N SER A 7 19.70 1.60 29.26
CA SER A 7 20.95 1.04 29.74
C SER A 7 21.51 0.00 28.76
N ASP A 8 20.63 -0.78 28.16
CA ASP A 8 21.02 -1.78 27.17
C ASP A 8 21.52 -1.08 25.90
N ARG A 9 20.84 0.00 25.50
CA ARG A 9 21.26 0.77 24.33
C ARG A 9 22.65 1.39 24.55
N GLU A 10 22.88 1.90 25.75
CA GLU A 10 24.16 2.49 26.09
C GLU A 10 25.30 1.46 26.05
N ALA A 11 25.06 0.25 26.56
CA ALA A 11 26.10 -0.79 26.50
C ALA A 11 26.32 -1.21 25.06
N PHE A 12 25.23 -1.38 24.32
CA PHE A 12 25.31 -1.74 22.92
C PHE A 12 26.11 -0.72 22.09
N LEU A 13 25.79 0.57 22.25
CA LEU A 13 26.55 1.63 21.60
C LEU A 13 28.05 1.58 21.91
N SER A 14 28.40 1.30 23.15
CA SER A 14 29.78 1.14 23.50
C SER A 14 30.43 -0.04 22.77
N SER A 15 29.70 -1.16 22.67
CA SER A 15 30.24 -2.37 22.04
C SER A 15 30.50 -2.16 20.57
N VAL A 16 29.66 -1.36 19.93
CA VAL A 16 29.80 -1.06 18.51
C VAL A 16 30.76 0.10 18.23
N LEU A 17 30.76 1.15 19.05
CA LEU A 17 31.46 2.39 18.72
C LEU A 17 32.73 2.64 19.55
N GLY A 18 32.90 1.86 20.61
CA GLY A 18 34.00 2.06 21.56
C GLY A 18 33.77 3.29 22.40
N ASN A 19 34.80 3.79 23.04
CA ASN A 19 34.64 4.98 23.87
C ASN A 19 35.91 5.80 24.04
N GLU A 20 36.64 5.99 22.95
CA GLU A 20 37.78 6.90 22.97
C GLU A 20 37.22 8.33 23.00
N GLN A 21 37.76 9.18 23.88
CA GLN A 21 37.33 10.54 24.00
C GLN A 21 38.16 11.34 23.04
N PRO A 22 37.53 11.80 21.94
CA PRO A 22 38.29 12.63 21.03
C PRO A 22 38.53 14.02 21.62
N PRO A 23 39.57 14.72 21.15
CA PRO A 23 39.69 16.11 21.60
C PRO A 23 38.52 16.93 21.08
N ALA A 24 38.23 18.03 21.78
CA ALA A 24 37.13 18.92 21.45
C ALA A 24 37.11 19.33 19.97
N HIS A 25 38.25 19.84 19.49
CA HIS A 25 38.33 20.36 18.13
C HIS A 25 38.09 19.27 17.06
N LEU A 26 38.27 18.00 17.43
CA LEU A 26 37.97 16.86 16.52
C LEU A 26 36.68 16.08 16.81
N ALA A 27 35.96 16.40 17.90
CA ALA A 27 34.86 15.55 18.34
C ALA A 27 33.81 15.33 17.24
N ARG A 28 33.34 16.40 16.58
CA ARG A 28 32.29 16.28 15.54
CA ARG A 28 32.30 16.30 15.56
C ARG A 28 32.72 15.33 14.44
N THR A 29 33.93 15.54 13.90
CA THR A 29 34.43 14.74 12.78
C THR A 29 34.65 13.29 13.16
N VAL A 30 35.20 13.07 14.36
CA VAL A 30 35.44 11.72 14.81
C VAL A 30 34.12 10.98 14.98
N ILE A 31 33.18 11.63 15.63
CA ILE A 31 31.91 11.02 15.92
C ILE A 31 31.10 10.80 14.64
N GLU A 32 31.03 11.78 13.73
CA GLU A 32 30.29 11.61 12.47
C GLU A 32 30.83 10.37 11.75
N GLU A 33 32.15 10.23 11.71
CA GLU A 33 32.78 9.13 11.00
C GLU A 33 32.52 7.76 11.64
N LYS A 34 32.66 7.64 12.96
CA LYS A 34 32.35 6.39 13.68
C LYS A 34 30.89 5.96 13.50
N LEU A 35 29.97 6.92 13.59
CA LEU A 35 28.55 6.57 13.46
C LEU A 35 28.27 6.17 12.02
N ARG A 36 28.77 6.93 11.06
CA ARG A 36 28.57 6.61 9.62
C ARG A 36 29.14 5.26 9.21
N ASN A 37 30.40 5.04 9.59
CA ASN A 37 31.01 3.73 9.41
C ASN A 37 30.19 2.58 9.98
N ALA A 38 29.70 2.75 11.22
CA ALA A 38 28.90 1.71 11.90
C ALA A 38 27.50 1.50 11.31
N ILE A 39 26.96 2.55 10.73
CA ILE A 39 25.66 2.46 10.05
C ILE A 39 25.83 1.71 8.73
N ILE A 40 26.83 2.14 7.96
CA ILE A 40 27.11 1.56 6.65
C ILE A 40 27.51 0.05 6.70
N ASP A 41 28.25 -0.35 7.71
CA ASP A 41 28.65 -1.75 7.80
C ASP A 41 27.64 -2.62 8.58
N GLY A 42 26.53 -2.01 9.01
CA GLY A 42 25.43 -2.76 9.60
C GLY A 42 25.50 -2.98 11.09
N SER A 43 26.60 -2.56 11.73
CA SER A 43 26.81 -2.78 13.14
C SER A 43 25.91 -1.89 14.04
N LEU A 44 25.49 -0.73 13.53
CA LEU A 44 24.37 0.02 14.15
C LEU A 44 23.16 -0.13 13.23
N PRO A 45 22.22 -0.99 13.58
CA PRO A 45 21.12 -1.32 12.66
C PRO A 45 20.06 -0.23 12.54
N SER A 46 19.26 -0.28 11.48
CA SER A 46 18.22 0.70 11.27
C SER A 46 17.28 0.67 12.51
N GLY A 47 16.78 1.83 12.89
CA GLY A 47 15.89 1.93 14.04
C GLY A 47 16.63 2.14 15.33
N THR A 48 17.96 2.06 15.34
CA THR A 48 18.67 2.37 16.58
C THR A 48 18.47 3.84 16.97
N ALA A 49 18.08 4.11 18.22
CA ALA A 49 17.94 5.46 18.73
C ALA A 49 19.30 6.15 18.87
N LEU A 50 19.37 7.35 18.32
CA LEU A 50 20.58 8.13 18.44
C LEU A 50 20.27 9.36 19.26
N ARG A 51 20.63 9.27 20.56
CA ARG A 51 20.32 10.28 21.57
C ARG A 51 21.56 11.08 21.85
N GLN A 52 21.42 12.41 21.77
CA GLN A 52 22.52 13.35 21.95
C GLN A 52 23.28 13.19 23.27
N GLN A 53 22.58 13.09 24.39
CA GLN A 53 23.27 12.98 25.67
C GLN A 53 23.92 11.62 25.85
N GLU A 54 23.25 10.56 25.39
CA GLU A 54 23.83 9.23 25.49
C GLU A 54 25.16 9.15 24.76
N LEU A 55 25.17 9.67 23.54
CA LEU A 55 26.38 9.74 22.72
C LEU A 55 27.44 10.72 23.28
N ALA A 56 27.03 11.87 23.82
CA ALA A 56 27.98 12.83 24.45
C ALA A 56 28.67 12.13 25.63
N THR A 57 27.88 11.41 26.42
CA THR A 57 28.43 10.68 27.54
C THR A 57 29.43 9.63 27.09
N LEU A 58 29.08 8.82 26.10
CA LEU A 58 29.95 7.75 25.68
C LEU A 58 31.34 8.25 25.24
N PHE A 59 31.32 9.32 24.46
CA PHE A 59 32.52 9.89 23.88
C PHE A 59 33.20 10.94 24.77
N GLY A 60 32.63 11.23 25.93
CA GLY A 60 33.23 12.19 26.88
C GLY A 60 33.27 13.60 26.32
N VAL A 61 32.26 13.96 25.56
CA VAL A 61 32.19 15.33 24.98
C VAL A 61 30.86 16.00 25.40
N SER A 62 30.65 17.23 24.95
CA SER A 62 29.40 17.94 25.14
C SER A 62 28.42 17.62 23.99
N ARG A 63 27.16 17.95 24.18
CA ARG A 63 26.14 17.66 23.17
C ARG A 63 26.37 18.34 21.82
N MSE A 64 27.07 19.48 21.82
CA MSE A 64 27.18 20.26 20.60
C MSE A 64 27.81 19.54 19.42
O MSE A 64 27.20 19.53 18.36
CB MSE A 64 27.89 21.59 20.82
CG MSE A 64 28.05 22.37 19.50
SE MSE A 64 26.36 23.10 18.64
CE MSE A 64 25.39 21.59 17.82
N PRO A 65 29.01 18.94 19.59
CA PRO A 65 29.58 18.15 18.49
C PRO A 65 28.74 16.93 18.12
N VAL A 66 28.02 16.35 19.09
CA VAL A 66 27.13 15.22 18.79
C VAL A 66 25.97 15.72 17.94
N ARG A 67 25.41 16.87 18.31
CA ARG A 67 24.27 17.42 17.56
C ARG A 67 24.71 17.76 16.11
N GLU A 68 25.88 18.38 15.98
CA GLU A 68 26.43 18.69 14.65
C GLU A 68 26.62 17.41 13.82
N ALA A 69 27.17 16.37 14.44
CA ALA A 69 27.38 15.08 13.81
C ALA A 69 26.07 14.50 13.29
N LEU A 70 25.06 14.49 14.13
CA LEU A 70 23.82 13.88 13.77
C LEU A 70 23.15 14.69 12.68
N ARG A 71 23.32 16.01 12.65
CA ARG A 71 22.84 16.82 11.53
C ARG A 71 23.45 16.43 10.16
N GLN A 72 24.78 16.27 10.14
CA GLN A 72 25.48 15.69 8.97
C GLN A 72 24.97 14.32 8.57
N LEU A 73 24.75 13.44 9.53
CA LEU A 73 24.12 12.14 9.23
C LEU A 73 22.70 12.29 8.62
N GLU A 74 21.91 13.21 9.15
CA GLU A 74 20.55 13.42 8.62
C GLU A 74 20.56 13.96 7.20
N ALA A 75 21.54 14.83 6.93
CA ALA A 75 21.79 15.42 5.62
C ALA A 75 22.25 14.35 4.61
N GLN A 76 22.95 13.33 5.10
CA GLN A 76 23.32 12.19 4.26
C GLN A 76 22.21 11.13 4.16
N SER A 77 21.06 11.37 4.79
CA SER A 77 19.94 10.41 4.85
C SER A 77 20.30 9.12 5.61
N LEU A 78 21.22 9.21 6.57
CA LEU A 78 21.63 8.01 7.34
C LEU A 78 20.92 7.95 8.68
N LEU A 79 20.18 9.00 8.99
CA LEU A 79 19.31 9.03 10.15
C LEU A 79 18.09 9.83 9.79
N ARG A 80 16.96 9.49 10.41
CA ARG A 80 15.69 10.19 10.24
C ARG A 80 15.08 10.48 11.62
N VAL A 81 14.39 11.60 11.76
CA VAL A 81 13.62 11.85 12.97
C VAL A 81 12.23 11.21 12.84
N GLU A 82 11.86 10.41 13.84
CA GLU A 82 10.51 9.81 13.92
C GLU A 82 9.78 10.18 15.25
N THR A 83 8.49 10.44 15.16
CA THR A 83 7.72 10.93 16.31
C THR A 83 7.70 9.82 17.38
N HIS A 84 7.93 10.22 18.63
CA HIS A 84 8.04 9.34 19.81
C HIS A 84 9.40 8.61 19.97
N LYS A 85 10.22 8.60 18.91
CA LYS A 85 11.54 7.91 18.90
C LYS A 85 12.77 8.83 18.84
N GLY A 86 12.58 10.04 18.33
CA GLY A 86 13.68 10.92 17.98
C GLY A 86 14.43 10.51 16.70
N ALA A 87 15.72 10.85 16.68
CA ALA A 87 16.63 10.48 15.63
C ALA A 87 16.86 8.98 15.76
N VAL A 88 16.60 8.28 14.67
CA VAL A 88 16.92 6.89 14.54
C VAL A 88 17.74 6.68 13.28
N VAL A 89 18.53 5.63 13.31
CA VAL A 89 19.23 5.15 12.11
C VAL A 89 18.24 4.79 10.99
N ALA A 90 18.48 5.34 9.80
CA ALA A 90 17.65 5.13 8.62
C ALA A 90 18.00 3.81 7.99
N PRO A 91 17.03 3.19 7.29
CA PRO A 91 17.28 2.00 6.49
C PRO A 91 18.24 2.35 5.35
N LEU A 92 19.18 1.48 5.00
CA LEU A 92 20.01 1.72 3.83
C LEU A 92 19.26 1.21 2.62
N ILE A 93 19.82 1.49 1.46
CA ILE A 93 19.17 1.29 0.19
C ILE A 93 18.80 -0.21 0.00
N THR A 94 19.65 -1.12 0.51
CA THR A 94 19.43 -2.56 0.31
C THR A 94 18.25 -3.04 1.14
N GLU A 95 18.21 -2.65 2.41
CA GLU A 95 17.07 -2.93 3.30
C GLU A 95 15.80 -2.32 2.72
N ASP A 96 15.91 -1.09 2.21
CA ASP A 96 14.75 -0.48 1.62
C ASP A 96 14.25 -1.25 0.38
N ALA A 97 15.17 -1.74 -0.45
CA ALA A 97 14.82 -2.56 -1.59
C ALA A 97 14.10 -3.84 -1.16
N VAL A 98 14.60 -4.48 -0.13
CA VAL A 98 14.06 -5.74 0.43
C VAL A 98 12.62 -5.53 0.92
N ASP A 99 12.42 -4.48 1.73
CA ASP A 99 11.07 -4.07 2.19
C ASP A 99 10.14 -3.67 1.00
N ALA A 100 10.68 -2.95 0.02
CA ALA A 100 9.90 -2.55 -1.16
C ALA A 100 9.39 -3.79 -1.93
N TYR A 101 10.25 -4.77 -2.17
CA TYR A 101 9.82 -5.91 -2.94
C TYR A 101 8.85 -6.78 -2.15
N ALA A 102 9.03 -6.88 -0.82
CA ALA A 102 8.13 -7.68 0.05
C ALA A 102 6.73 -7.10 0.01
N LEU A 103 6.68 -5.79 0.01
CA LEU A 103 5.42 -5.05 -0.11
C LEU A 103 4.78 -5.20 -1.50
N ARG A 104 5.58 -5.17 -2.58
CA ARG A 104 5.03 -5.44 -3.89
C ARG A 104 4.48 -6.88 -4.01
N ILE A 105 5.18 -7.87 -3.45
CA ILE A 105 4.63 -9.22 -3.42
C ILE A 105 3.26 -9.18 -2.75
N LEU A 106 3.19 -8.56 -1.57
CA LEU A 106 1.93 -8.47 -0.82
C LEU A 106 0.80 -7.79 -1.65
N LEU A 107 1.12 -6.61 -2.21
CA LEU A 107 0.14 -5.79 -2.93
C LEU A 107 -0.24 -6.40 -4.29
N GLU A 108 0.77 -6.86 -5.04
CA GLU A 108 0.55 -7.35 -6.39
C GLU A 108 -0.15 -8.69 -6.42
N SER A 109 0.11 -9.52 -5.41
CA SER A 109 -0.58 -10.82 -5.28
C SER A 109 -2.05 -10.57 -5.08
N GLU A 110 -2.41 -9.59 -4.25
CA GLU A 110 -3.86 -9.28 -4.07
C GLU A 110 -4.48 -8.69 -5.35
N ALA A 111 -3.77 -7.78 -6.00
CA ALA A 111 -4.17 -7.22 -7.30
C ALA A 111 -4.50 -8.35 -8.31
N LEU A 112 -3.58 -9.30 -8.42
CA LEU A 112 -3.77 -10.48 -9.28
C LEU A 112 -5.00 -11.31 -8.90
N ARG A 113 -5.14 -11.66 -7.62
CA ARG A 113 -6.33 -12.36 -7.11
C ARG A 113 -7.65 -11.68 -7.44
N LEU A 114 -7.66 -10.36 -7.36
CA LEU A 114 -8.85 -9.58 -7.68
C LEU A 114 -9.09 -9.46 -9.19
N SER A 115 -8.02 -9.34 -9.95
CA SER A 115 -8.12 -9.03 -11.36
C SER A 115 -8.32 -10.26 -12.24
N ILE A 116 -7.62 -11.35 -11.96
CA ILE A 116 -7.64 -12.52 -12.86
C ILE A 116 -9.02 -13.02 -13.28
N PRO A 117 -9.96 -13.15 -12.33
CA PRO A 117 -11.29 -13.67 -12.68
C PRO A 117 -12.09 -12.76 -13.57
N LEU A 118 -11.66 -11.49 -13.70
CA LEU A 118 -12.43 -10.48 -14.39
C LEU A 118 -11.77 -10.02 -15.70
N LEU A 119 -10.54 -10.44 -15.97
CA LEU A 119 -9.81 -9.90 -17.13
C LEU A 119 -10.59 -10.19 -18.42
N ASP A 120 -10.74 -9.18 -19.29
CA ASP A 120 -11.48 -9.37 -20.56
C ASP A 120 -10.50 -9.66 -21.73
N ALA A 121 -11.05 -10.00 -22.89
CA ALA A 121 -10.25 -10.33 -24.06
C ALA A 121 -9.32 -9.17 -24.46
N ASP A 122 -9.75 -7.92 -24.31
CA ASP A 122 -8.87 -6.80 -24.62
C ASP A 122 -7.71 -6.70 -23.66
N ASP A 123 -7.93 -7.02 -22.37
CA ASP A 123 -6.86 -7.01 -21.38
C ASP A 123 -5.78 -8.05 -21.73
N LEU A 124 -6.25 -9.26 -22.03
CA LEU A 124 -5.37 -10.34 -22.42
C LEU A 124 -4.61 -10.05 -23.74
N ALA A 125 -5.30 -9.52 -24.75
CA ALA A 125 -4.67 -9.09 -25.99
C ALA A 125 -3.56 -8.04 -25.74
N ALA A 126 -3.85 -7.07 -24.86
CA ALA A 126 -2.87 -6.00 -24.51
C ALA A 126 -1.64 -6.63 -23.87
N ALA A 127 -1.85 -7.57 -22.96
CA ALA A 127 -0.75 -8.19 -22.24
C ALA A 127 0.15 -8.94 -23.19
N ALA A 128 -0.45 -9.68 -24.12
CA ALA A 128 0.33 -10.42 -25.11
C ALA A 128 1.11 -9.45 -25.96
N SER A 129 0.47 -8.33 -26.33
CA SER A 129 1.15 -7.39 -27.18
C SER A 129 2.42 -6.82 -26.51
N TYR A 130 2.35 -6.54 -25.23
CA TYR A 130 3.48 -6.02 -24.53
C TYR A 130 4.62 -7.01 -24.43
N ILE A 131 4.33 -8.30 -24.19
CA ILE A 131 5.38 -9.33 -24.17
C ILE A 131 6.04 -9.49 -25.54
N GLU A 132 5.22 -9.45 -26.59
CA GLU A 132 5.69 -9.50 -27.96
C GLU A 132 6.61 -8.33 -28.29
N GLN A 133 6.31 -7.14 -27.77
CA GLN A 133 7.20 -5.99 -27.88
C GLN A 133 8.47 -6.18 -27.06
N LEU A 134 8.34 -6.74 -25.85
CA LEU A 134 9.52 -7.08 -25.06
C LEU A 134 10.44 -8.05 -25.81
N GLU A 135 9.87 -8.99 -26.56
CA GLU A 135 10.67 -9.99 -27.26
C GLU A 135 11.68 -9.38 -28.24
N VAL A 136 11.32 -8.28 -28.88
CA VAL A 136 12.10 -7.67 -29.94
C VAL A 136 12.70 -6.30 -29.53
N GLU A 137 12.48 -5.88 -28.29
CA GLU A 137 13.03 -4.61 -27.75
C GLU A 137 14.52 -4.62 -27.41
N THR A 138 15.24 -3.59 -27.86
CA THR A 138 16.68 -3.46 -27.65
C THR A 138 17.04 -2.25 -26.76
N ASP A 139 16.24 -1.20 -26.76
CA ASP A 139 16.48 -0.06 -25.87
C ASP A 139 16.12 -0.44 -24.43
N PHE A 140 17.00 -0.11 -23.46
CA PHE A 140 16.80 -0.42 -22.05
C PHE A 140 15.71 0.42 -21.44
N GLY A 141 15.66 1.70 -21.80
CA GLY A 141 14.54 2.57 -21.42
C GLY A 141 13.19 1.97 -21.74
N GLN A 142 13.07 1.44 -22.95
CA GLN A 142 11.79 0.88 -23.36
C GLN A 142 11.44 -0.44 -22.66
N ILE A 143 12.46 -1.18 -22.23
CA ILE A 143 12.24 -2.45 -21.51
C ILE A 143 11.52 -2.22 -20.18
N GLY A 144 11.94 -1.19 -19.47
CA GLY A 144 11.30 -0.85 -18.19
C GLY A 144 9.84 -0.46 -18.41
N ARG A 145 9.60 0.33 -19.44
CA ARG A 145 8.26 0.80 -19.75
C ARG A 145 7.34 -0.35 -20.16
N LEU A 146 7.87 -1.25 -20.99
CA LEU A 146 7.06 -2.35 -21.52
C LEU A 146 6.78 -3.37 -20.44
N ASN A 147 7.76 -3.60 -19.59
CA ASN A 147 7.61 -4.47 -18.43
C ASN A 147 6.49 -3.98 -17.51
N ARG A 148 6.51 -2.67 -17.23
CA ARG A 148 5.50 -2.06 -16.37
C ARG A 148 4.10 -2.20 -16.99
N MSE A 149 3.99 -1.95 -18.30
CA MSE A 149 2.69 -2.05 -18.97
C MSE A 149 2.18 -3.49 -18.99
O MSE A 149 0.97 -3.74 -18.86
CB MSE A 149 2.76 -1.51 -20.40
CG MSE A 149 2.94 0.01 -20.56
SE MSE A 149 1.72 1.06 -19.52
CE MSE A 149 0.01 0.58 -20.38
N PHE A 150 3.08 -4.45 -19.15
CA PHE A 150 2.67 -5.85 -19.06
C PHE A 150 2.03 -6.14 -17.67
N HIS A 151 2.74 -5.83 -16.60
CA HIS A 151 2.26 -6.15 -15.25
C HIS A 151 0.94 -5.41 -14.99
N LEU A 152 0.82 -4.16 -15.47
CA LEU A 152 -0.41 -3.38 -15.29
C LEU A 152 -1.59 -3.97 -16.02
N SER A 153 -1.34 -4.57 -17.16
CA SER A 153 -2.36 -5.26 -17.92
C SER A 153 -3.02 -6.36 -17.14
N LEU A 154 -2.24 -7.10 -16.36
CA LEU A 154 -2.77 -8.22 -15.56
C LEU A 154 -3.56 -7.76 -14.33
N TYR A 155 -3.27 -6.53 -13.89
CA TYR A 155 -3.98 -5.87 -12.79
C TYR A 155 -5.10 -4.95 -13.29
N ALA A 156 -5.43 -5.01 -14.56
CA ALA A 156 -6.39 -4.09 -15.21
C ALA A 156 -7.80 -4.14 -14.64
N LYS A 157 -8.16 -5.21 -13.93
CA LYS A 157 -9.50 -5.31 -13.34
C LYS A 157 -9.45 -5.32 -11.81
N THR A 158 -8.48 -4.61 -11.24
CA THR A 158 -8.37 -4.52 -9.82
C THR A 158 -9.18 -3.31 -9.51
N HIS A 159 -10.35 -3.51 -8.90
CA HIS A 159 -11.27 -2.43 -8.58
C HIS A 159 -11.17 -2.07 -7.10
N ASN A 160 -9.96 -1.84 -6.62
CA ASN A 160 -9.73 -1.12 -5.40
C ASN A 160 -8.76 -0.02 -5.74
N LYS A 161 -9.21 1.23 -5.71
CA LYS A 161 -8.41 2.37 -6.18
C LYS A 161 -7.25 2.67 -5.25
N ARG A 162 -7.46 2.46 -3.97
CA ARG A 162 -6.37 2.64 -3.01
C ARG A 162 -5.26 1.63 -3.23
N LEU A 163 -5.63 0.37 -3.47
CA LEU A 163 -4.65 -0.68 -3.66
C LEU A 163 -3.89 -0.37 -4.95
N MSE A 164 -4.61 -0.06 -6.02
CA MSE A 164 -3.98 0.22 -7.30
C MSE A 164 -3.04 1.41 -7.33
O MSE A 164 -2.05 1.36 -8.03
CB MSE A 164 -5.03 0.34 -8.39
CG MSE A 164 -5.53 -1.01 -8.72
SE MSE A 164 -4.05 -2.19 -9.28
CE MSE A 164 -3.85 -1.23 -10.86
N ARG A 165 -3.34 2.47 -6.59
CA ARG A 165 -2.38 3.56 -6.42
C ARG A 165 -1.07 3.04 -5.82
N LEU A 166 -1.14 2.21 -4.79
CA LEU A 166 0.09 1.64 -4.21
C LEU A 166 0.82 0.68 -5.17
N VAL A 167 0.07 -0.21 -5.83
CA VAL A 167 0.64 -1.07 -6.88
C VAL A 167 1.34 -0.24 -7.98
N GLU A 168 0.69 0.78 -8.51
CA GLU A 168 1.29 1.62 -9.54
C GLU A 168 2.50 2.39 -9.09
N GLU A 169 2.44 2.99 -7.91
CA GLU A 169 3.63 3.56 -7.24
C GLU A 169 4.85 2.59 -7.24
N GLY A 170 4.61 1.33 -6.83
CA GLY A 170 5.64 0.30 -6.85
C GLY A 170 6.18 -0.03 -8.25
N LEU A 171 5.29 -0.10 -9.24
CA LEU A 171 5.69 -0.40 -10.60
C LEU A 171 6.44 0.76 -11.21
N ASN A 172 6.03 1.99 -10.89
CA ASN A 172 6.72 3.19 -11.39
C ASN A 172 8.13 3.26 -10.87
N GLU A 173 8.28 2.85 -9.61
CA GLU A 173 9.58 2.88 -8.92
C GLU A 173 10.52 1.87 -9.55
N GLU A 174 10.00 0.70 -9.91
CA GLU A 174 10.77 -0.31 -10.61
C GLU A 174 11.22 0.19 -11.96
N GLU A 175 10.28 0.72 -12.71
CA GLU A 175 10.60 1.24 -14.03
C GLU A 175 11.72 2.30 -14.01
N ARG A 176 11.56 3.28 -13.13
CA ARG A 176 12.56 4.32 -12.88
C ARG A 176 13.89 3.67 -12.54
N PHE A 177 13.88 2.64 -11.71
CA PHE A 177 15.11 1.92 -11.38
C PHE A 177 15.74 1.26 -12.61
N LEU A 178 14.96 0.48 -13.35
CA LEU A 178 15.46 -0.18 -14.55
C LEU A 178 15.90 0.86 -15.60
N ARG A 179 15.15 1.95 -15.73
CA ARG A 179 15.47 3.00 -16.68
C ARG A 179 16.93 3.42 -16.54
N PHE A 180 17.39 3.60 -15.30
CA PHE A 180 18.72 4.10 -15.05
C PHE A 180 19.79 3.03 -14.83
N ASN A 181 19.39 1.86 -14.36
CA ASN A 181 20.35 0.85 -13.87
C ASN A 181 20.50 -0.40 -14.71
N LEU A 182 19.51 -0.70 -15.54
CA LEU A 182 19.47 -1.99 -16.23
C LEU A 182 20.67 -2.29 -17.13
N SER A 183 21.16 -1.26 -17.81
CA SER A 183 22.29 -1.41 -18.70
C SER A 183 23.60 -1.64 -17.92
N SER A 184 23.60 -1.27 -16.63
CA SER A 184 24.74 -1.52 -15.75
C SER A 184 24.67 -2.81 -14.96
N MSE A 185 23.56 -3.52 -15.06
CA MSE A 185 23.34 -4.71 -14.25
C MSE A 185 23.99 -5.95 -14.85
O MSE A 185 24.26 -6.91 -14.12
CB MSE A 185 21.84 -4.92 -14.04
CG MSE A 185 21.24 -3.82 -13.19
SE MSE A 185 19.43 -4.05 -12.69
CE MSE A 185 19.63 -5.80 -11.80
N GLY A 186 24.24 -5.91 -16.16
CA GLY A 186 24.96 -6.99 -16.85
C GLY A 186 24.27 -8.33 -16.80
N LEU A 187 22.94 -8.30 -16.85
CA LEU A 187 22.14 -9.50 -16.62
C LEU A 187 22.14 -10.38 -17.86
N GLY A 188 22.70 -9.87 -18.93
CA GLY A 188 22.80 -10.57 -20.19
C GLY A 188 21.50 -10.50 -20.95
N LYS A 189 21.39 -11.38 -21.94
CA LYS A 189 20.14 -11.51 -22.66
C LYS A 189 19.04 -11.96 -21.68
N LEU A 190 17.90 -11.28 -21.77
CA LEU A 190 16.75 -11.53 -20.93
C LEU A 190 15.73 -12.36 -21.72
N SER A 191 14.95 -13.14 -20.98
CA SER A 191 14.01 -14.10 -21.53
C SER A 191 12.59 -13.64 -21.17
N GLN A 192 11.63 -13.85 -22.06
CA GLN A 192 10.24 -13.55 -21.71
C GLN A 192 9.50 -14.73 -21.12
N ASP A 193 10.21 -15.83 -20.81
CA ASP A 193 9.53 -17.06 -20.44
C ASP A 193 8.58 -16.87 -19.23
N ASP A 194 9.05 -16.18 -18.20
CA ASP A 194 8.26 -15.88 -16.99
C ASP A 194 7.01 -15.06 -17.32
N HIS A 195 7.15 -14.03 -18.16
CA HIS A 195 5.98 -13.21 -18.54
C HIS A 195 4.95 -14.06 -19.27
N TRP A 196 5.39 -14.86 -20.24
CA TRP A 196 4.46 -15.76 -20.94
C TRP A 196 3.76 -16.72 -20.02
N GLN A 197 4.48 -17.26 -19.02
CA GLN A 197 3.88 -18.18 -18.04
C GLN A 197 2.82 -17.46 -17.22
N LEU A 198 3.13 -16.26 -16.74
CA LEU A 198 2.18 -15.43 -16.01
C LEU A 198 0.88 -15.21 -16.85
N LEU A 199 1.04 -14.84 -18.09
CA LEU A 199 -0.12 -14.64 -18.96
C LEU A 199 -0.90 -15.92 -19.21
N ARG A 200 -0.20 -17.01 -19.52
CA ARG A 200 -0.87 -18.30 -19.68
C ARG A 200 -1.73 -18.68 -18.47
N LEU A 201 -1.17 -18.56 -17.27
CA LEU A 201 -1.91 -18.89 -16.06
C LEU A 201 -3.06 -17.89 -15.87
N ALA A 202 -2.84 -16.60 -16.17
CA ALA A 202 -3.93 -15.59 -16.11
C ALA A 202 -5.09 -15.95 -17.08
N GLU A 203 -4.75 -16.25 -18.32
CA GLU A 203 -5.73 -16.70 -19.34
C GLU A 203 -6.59 -17.87 -18.89
N GLN A 204 -5.95 -18.89 -18.31
CA GLN A 204 -6.63 -20.08 -17.78
C GLN A 204 -7.36 -19.77 -16.47
N LYS A 205 -7.18 -18.55 -15.95
CA LYS A 205 -7.70 -18.18 -14.64
C LYS A 205 -7.25 -19.18 -13.58
N ALA A 206 -5.98 -19.54 -13.67
CA ALA A 206 -5.34 -20.34 -12.63
C ALA A 206 -4.75 -19.34 -11.62
N VAL A 207 -5.57 -18.91 -10.66
CA VAL A 207 -5.22 -17.77 -9.79
C VAL A 207 -4.03 -18.00 -8.83
N GLU A 208 -4.03 -19.11 -8.10
CA GLU A 208 -2.93 -19.34 -7.19
C GLU A 208 -1.60 -19.75 -7.91
N PRO A 209 -1.68 -20.61 -8.93
CA PRO A 209 -0.50 -20.77 -9.78
C PRO A 209 0.09 -19.46 -10.35
N CYS A 210 -0.76 -18.50 -10.71
CA CYS A 210 -0.33 -17.22 -11.22
C CYS A 210 0.35 -16.37 -10.13
N VAL A 211 -0.27 -16.34 -8.95
CA VAL A 211 0.30 -15.68 -7.79
C VAL A 211 1.68 -16.26 -7.45
N GLU A 212 1.78 -17.58 -7.45
CA GLU A 212 3.03 -18.28 -7.18
C GLU A 212 4.12 -17.87 -8.16
N ALA A 213 3.77 -17.84 -9.46
CA ALA A 213 4.70 -17.39 -10.50
C ALA A 213 5.14 -15.94 -10.32
N LEU A 214 4.22 -15.06 -9.96
CA LEU A 214 4.58 -13.69 -9.69
C LEU A 214 5.49 -13.55 -8.51
N GLN A 215 5.25 -14.37 -7.49
CA GLN A 215 6.11 -14.36 -6.30
C GLN A 215 7.54 -14.82 -6.66
N TYR A 216 7.67 -15.87 -7.46
CA TYR A 216 8.97 -16.25 -8.03
C TYR A 216 9.64 -15.11 -8.80
N HIS A 217 8.89 -14.48 -9.72
CA HIS A 217 9.37 -13.40 -10.59
C HIS A 217 9.89 -12.24 -9.73
N LEU A 218 9.09 -11.80 -8.76
CA LEU A 218 9.49 -10.70 -7.86
C LEU A 218 10.63 -11.10 -6.93
N ASN A 219 10.72 -12.35 -6.53
CA ASN A 219 11.84 -12.70 -5.67
C ASN A 219 13.17 -12.75 -6.46
N ARG A 220 13.11 -13.10 -7.74
CA ARG A 220 14.29 -13.01 -8.62
C ARG A 220 14.67 -11.55 -8.88
N GLY A 221 13.65 -10.70 -8.95
CA GLY A 221 13.88 -9.25 -9.07
C GLY A 221 14.64 -8.70 -7.89
N VAL A 222 14.18 -8.98 -6.68
CA VAL A 222 14.87 -8.42 -5.50
C VAL A 222 16.30 -8.98 -5.28
N GLN A 223 16.48 -10.25 -5.61
CA GLN A 223 17.80 -10.86 -5.63
C GLN A 223 18.75 -10.13 -6.65
N ALA A 224 18.24 -9.83 -7.83
CA ALA A 224 19.02 -9.12 -8.84
C ALA A 224 19.38 -7.70 -8.36
N VAL A 225 18.39 -6.99 -7.84
CA VAL A 225 18.59 -5.63 -7.32
C VAL A 225 19.60 -5.63 -6.18
N THR A 226 19.41 -6.57 -5.27
CA THR A 226 20.28 -6.70 -4.08
C THR A 226 21.74 -6.95 -4.47
N GLN A 227 21.96 -7.94 -5.34
CA GLN A 227 23.30 -8.21 -5.85
C GLN A 227 23.90 -6.95 -6.52
N TYR A 228 23.13 -6.26 -7.34
CA TYR A 228 23.58 -5.03 -8.01
C TYR A 228 24.00 -3.94 -7.01
N LEU A 229 23.13 -3.65 -6.05
CA LEU A 229 23.44 -2.68 -5.01
C LEU A 229 24.73 -2.99 -4.24
N GLN A 230 25.04 -4.27 -3.99
CA GLN A 230 26.26 -4.63 -3.29
C GLN A 230 27.48 -4.40 -4.19
N SER A 231 27.38 -4.79 -5.46
CA SER A 231 28.35 -4.40 -6.50
C SER A 231 28.63 -2.92 -6.52
N GLN A 232 27.57 -2.14 -6.50
CA GLN A 232 27.68 -0.70 -6.55
C GLN A 232 28.41 -0.14 -5.31
N LYS A 233 28.03 -0.66 -4.14
CA LYS A 233 28.71 -0.34 -2.87
C LYS A 233 30.23 -0.68 -2.88
N ALA A 234 30.55 -1.87 -3.41
CA ALA A 234 31.94 -2.35 -3.50
C ALA A 234 32.76 -1.56 -4.52
N GLY A 235 32.06 -0.85 -5.43
CA GLY A 235 32.73 -0.17 -6.58
C GLY A 235 33.11 -1.12 -7.70
N ASN A 236 32.36 -2.22 -7.83
CA ASN A 236 32.64 -3.26 -8.83
C ASN A 236 31.67 -3.20 -10.02
N VAL A 237 31.33 -1.97 -10.44
CA VAL A 237 30.32 -1.71 -11.49
C VAL A 237 30.95 -0.81 -12.56
N SER B 1 -11.72 3.41 -26.30
CA SER B 1 -12.25 2.04 -25.99
CA SER B 1 -12.11 2.02 -25.97
C SER B 1 -11.96 1.10 -27.20
N ASN B 2 -12.14 -0.18 -26.96
CA ASN B 2 -11.83 -1.25 -27.86
C ASN B 2 -13.15 -1.91 -28.28
N ALA B 3 -13.16 -2.48 -29.47
CA ALA B 3 -14.38 -3.12 -30.01
C ALA B 3 -15.03 -4.20 -29.10
N MSE B 4 -14.28 -5.18 -28.61
CA MSE B 4 -14.88 -6.26 -27.80
CA MSE B 4 -14.88 -6.26 -27.81
C MSE B 4 -15.41 -5.71 -26.46
O MSE B 4 -16.51 -6.01 -26.02
CB MSE B 4 -13.88 -7.39 -27.58
CB MSE B 4 -13.87 -7.41 -27.57
CG MSE B 4 -13.45 -8.06 -28.88
CG MSE B 4 -14.46 -8.66 -26.90
SE MSE B 4 -12.95 -9.95 -28.70
SE MSE B 4 -16.12 -9.34 -27.73
CE MSE B 4 -14.68 -10.60 -28.08
CE MSE B 4 -16.73 -10.63 -26.35
N ARG B 5 -14.61 -4.86 -25.84
CA ARG B 5 -15.01 -4.18 -24.60
C ARG B 5 -16.27 -3.37 -24.78
N LYS B 6 -16.29 -2.56 -25.82
CA LYS B 6 -17.49 -1.79 -26.22
C LYS B 6 -18.71 -2.72 -26.41
N SER B 7 -18.56 -3.80 -27.17
CA SER B 7 -19.75 -4.67 -27.38
C SER B 7 -20.13 -5.39 -26.07
N ASP B 8 -19.16 -5.80 -25.26
CA ASP B 8 -19.48 -6.36 -23.92
C ASP B 8 -20.20 -5.34 -23.07
N ARG B 9 -19.75 -4.09 -23.09
CA ARG B 9 -20.44 -3.04 -22.32
C ARG B 9 -21.88 -2.82 -22.80
N GLU B 10 -22.08 -2.79 -24.10
CA GLU B 10 -23.42 -2.65 -24.69
C GLU B 10 -24.36 -3.79 -24.28
N ALA B 11 -23.88 -5.03 -24.33
CA ALA B 11 -24.63 -6.19 -23.84
C ALA B 11 -24.94 -6.06 -22.31
N PHE B 12 -23.95 -5.61 -21.53
CA PHE B 12 -24.13 -5.42 -20.10
C PHE B 12 -25.21 -4.35 -19.81
N LEU B 13 -25.12 -3.20 -20.49
CA LEU B 13 -26.10 -2.13 -20.29
C LEU B 13 -27.50 -2.62 -20.64
N SER B 14 -27.61 -3.42 -21.68
CA SER B 14 -28.92 -3.97 -22.05
C SER B 14 -29.50 -4.91 -20.98
N SER B 15 -28.66 -5.76 -20.40
CA SER B 15 -29.10 -6.70 -19.35
C SER B 15 -29.48 -5.99 -18.06
N VAL B 16 -28.89 -4.83 -17.82
CA VAL B 16 -29.18 -4.09 -16.61
C VAL B 16 -30.32 -3.11 -16.83
N LEU B 17 -30.36 -2.42 -17.96
CA LEU B 17 -31.33 -1.35 -18.16
C LEU B 17 -32.52 -1.76 -19.03
N GLY B 18 -32.43 -2.91 -19.71
CA GLY B 18 -33.41 -3.26 -20.75
C GLY B 18 -33.21 -2.46 -22.03
N ASN B 19 -34.07 -2.69 -23.01
CA ASN B 19 -33.95 -1.98 -24.30
C ASN B 19 -35.27 -1.42 -24.82
N GLU B 20 -36.18 -1.07 -23.91
CA GLU B 20 -37.46 -0.49 -24.32
C GLU B 20 -37.34 0.98 -24.76
N GLN B 21 -37.88 1.27 -25.95
CA GLN B 21 -37.81 2.60 -26.54
C GLN B 21 -38.88 3.50 -25.94
N PRO B 22 -38.46 4.55 -25.22
CA PRO B 22 -39.47 5.50 -24.76
C PRO B 22 -39.92 6.42 -25.89
N PRO B 23 -41.14 6.98 -25.77
CA PRO B 23 -41.53 8.09 -26.64
C PRO B 23 -40.46 9.19 -26.62
N ALA B 24 -40.27 9.84 -27.77
CA ALA B 24 -39.31 10.95 -27.88
C ALA B 24 -39.46 11.94 -26.73
N HIS B 25 -40.72 12.28 -26.43
CA HIS B 25 -41.01 13.29 -25.39
C HIS B 25 -40.77 12.78 -23.95
N LEU B 26 -40.68 11.47 -23.75
CA LEU B 26 -40.38 10.90 -22.43
C LEU B 26 -38.92 10.44 -22.29
N ALA B 27 -38.13 10.57 -23.35
CA ALA B 27 -36.82 9.91 -23.38
C ALA B 27 -35.88 10.47 -22.30
N ARG B 28 -35.81 11.80 -22.21
CA ARG B 28 -34.95 12.52 -21.25
C ARG B 28 -35.22 12.01 -19.83
N THR B 29 -36.48 11.96 -19.43
CA THR B 29 -36.89 11.59 -18.08
C THR B 29 -36.70 10.10 -17.79
N VAL B 30 -37.20 9.24 -18.68
CA VAL B 30 -37.14 7.76 -18.51
C VAL B 30 -35.71 7.22 -18.40
N ILE B 31 -34.83 7.76 -19.24
CA ILE B 31 -33.44 7.31 -19.24
C ILE B 31 -32.74 7.75 -17.95
N GLU B 32 -32.90 9.01 -17.54
CA GLU B 32 -32.34 9.51 -16.23
C GLU B 32 -32.75 8.60 -15.07
N GLU B 33 -34.05 8.29 -15.00
CA GLU B 33 -34.60 7.44 -13.93
C GLU B 33 -34.00 6.03 -13.90
N LYS B 34 -33.94 5.38 -15.06
CA LYS B 34 -33.41 4.04 -15.17
C LYS B 34 -31.92 4.00 -14.83
N LEU B 35 -31.16 5.01 -15.26
CA LEU B 35 -29.75 5.10 -14.94
C LEU B 35 -29.53 5.33 -13.44
N ARG B 36 -30.22 6.30 -12.87
CA ARG B 36 -30.15 6.60 -11.44
C ARG B 36 -30.44 5.39 -10.58
N ASN B 37 -31.53 4.71 -10.85
CA ASN B 37 -31.89 3.53 -10.07
C ASN B 37 -30.85 2.41 -10.15
N ALA B 38 -30.37 2.14 -11.35
CA ALA B 38 -29.33 1.14 -11.56
C ALA B 38 -28.00 1.53 -10.87
N ILE B 39 -27.70 2.82 -10.83
CA ILE B 39 -26.50 3.30 -10.15
C ILE B 39 -26.64 3.11 -8.64
N ILE B 40 -27.75 3.61 -8.07
CA ILE B 40 -27.98 3.61 -6.62
C ILE B 40 -28.03 2.19 -6.02
N ASP B 41 -28.62 1.25 -6.75
CA ASP B 41 -28.71 -0.12 -6.27
C ASP B 41 -27.48 -0.98 -6.66
N GLY B 42 -26.46 -0.36 -7.25
CA GLY B 42 -25.20 -1.03 -7.57
C GLY B 42 -25.15 -1.91 -8.83
N SER B 43 -26.25 -2.01 -9.58
CA SER B 43 -26.26 -2.86 -10.79
C SER B 43 -25.43 -2.26 -11.97
N LEU B 44 -25.23 -0.94 -11.95
CA LEU B 44 -24.23 -0.27 -12.80
C LEU B 44 -23.10 0.19 -11.88
N PRO B 45 -22.04 -0.58 -11.79
CA PRO B 45 -20.97 -0.23 -10.85
C PRO B 45 -20.23 1.04 -11.22
N SER B 46 -19.59 1.65 -10.24
CA SER B 46 -18.71 2.81 -10.46
C SER B 46 -17.64 2.51 -11.50
N GLY B 47 -17.38 3.44 -12.38
CA GLY B 47 -16.39 3.23 -13.43
C GLY B 47 -17.07 2.77 -14.71
N THR B 48 -18.35 2.42 -14.67
CA THR B 48 -19.03 2.06 -15.91
C THR B 48 -19.12 3.32 -16.81
N ALA B 49 -18.75 3.16 -18.08
CA ALA B 49 -18.73 4.23 -19.07
C ALA B 49 -20.12 4.57 -19.48
N LEU B 50 -20.43 5.84 -19.52
CA LEU B 50 -21.75 6.28 -19.90
C LEU B 50 -21.60 7.08 -21.18
N ARG B 51 -21.85 6.41 -22.31
CA ARG B 51 -21.51 6.93 -23.62
C ARG B 51 -22.80 7.34 -24.29
N GLN B 52 -22.90 8.58 -24.72
CA GLN B 52 -24.15 9.07 -25.27
C GLN B 52 -24.65 8.25 -26.44
N GLN B 53 -23.79 7.98 -27.44
CA GLN B 53 -24.24 7.20 -28.57
C GLN B 53 -24.59 5.74 -28.23
N GLU B 54 -23.88 5.13 -27.28
CA GLU B 54 -24.21 3.75 -26.90
C GLU B 54 -25.60 3.73 -26.30
N LEU B 55 -25.89 4.72 -25.44
CA LEU B 55 -27.17 4.75 -24.74
C LEU B 55 -28.27 5.18 -25.71
N ALA B 56 -28.00 6.14 -26.61
CA ALA B 56 -29.00 6.53 -27.62
C ALA B 56 -29.42 5.30 -28.48
N THR B 57 -28.45 4.51 -28.93
CA THR B 57 -28.71 3.25 -29.66
C THR B 57 -29.51 2.25 -28.77
N LEU B 58 -29.07 2.05 -27.54
CA LEU B 58 -29.75 1.08 -26.67
C LEU B 58 -31.26 1.40 -26.60
N PHE B 59 -31.55 2.68 -26.36
CA PHE B 59 -32.95 3.12 -26.13
C PHE B 59 -33.66 3.59 -27.41
N GLY B 60 -32.98 3.61 -28.54
CA GLY B 60 -33.59 3.94 -29.83
C GLY B 60 -33.98 5.40 -29.93
N VAL B 61 -33.16 6.29 -29.37
CA VAL B 61 -33.46 7.72 -29.36
C VAL B 61 -32.28 8.52 -29.93
N SER B 62 -32.40 9.82 -29.96
CA SER B 62 -31.30 10.66 -30.34
C SER B 62 -30.39 10.86 -29.14
N ARG B 63 -29.22 11.42 -29.37
CA ARG B 63 -28.25 11.61 -28.32
C ARG B 63 -28.68 12.69 -27.33
N MSE B 64 -29.36 13.73 -27.82
CA MSE B 64 -29.75 14.87 -26.97
C MSE B 64 -30.44 14.50 -25.61
O MSE B 64 -29.98 14.92 -24.58
CB MSE B 64 -30.55 15.89 -27.78
CG MSE B 64 -30.42 17.33 -27.21
SE MSE B 64 -31.98 17.63 -26.24
CE MSE B 64 -33.02 17.99 -27.85
N PRO B 65 -31.55 13.75 -25.61
CA PRO B 65 -32.15 13.32 -24.34
C PRO B 65 -31.22 12.50 -23.42
N VAL B 66 -30.34 11.71 -24.02
CA VAL B 66 -29.33 10.99 -23.24
C VAL B 66 -28.36 11.99 -22.63
N ARG B 67 -27.91 12.94 -23.45
CA ARG B 67 -26.99 13.95 -23.01
C ARG B 67 -27.61 14.73 -21.88
N GLU B 68 -28.90 14.97 -21.96
CA GLU B 68 -29.56 15.74 -20.92
C GLU B 68 -29.88 14.91 -19.65
N ALA B 69 -30.25 13.65 -19.81
CA ALA B 69 -30.16 12.69 -18.69
C ALA B 69 -28.80 12.62 -18.00
N LEU B 70 -27.71 12.52 -18.76
CA LEU B 70 -26.40 12.45 -18.14
C LEU B 70 -26.03 13.74 -17.38
N ARG B 71 -26.41 14.87 -17.92
CA ARG B 71 -26.15 16.13 -17.25
C ARG B 71 -26.81 16.20 -15.83
N GLN B 72 -28.03 15.67 -15.71
CA GLN B 72 -28.71 15.68 -14.42
C GLN B 72 -28.05 14.70 -13.47
N LEU B 73 -27.61 13.55 -13.99
CA LEU B 73 -26.91 12.57 -13.17
C LEU B 73 -25.63 13.19 -12.60
N GLU B 74 -24.93 13.99 -13.38
CA GLU B 74 -23.72 14.64 -12.93
C GLU B 74 -24.01 15.69 -11.86
N ALA B 75 -25.09 16.44 -12.05
CA ALA B 75 -25.57 17.44 -11.08
C ALA B 75 -25.86 16.74 -9.75
N GLN B 76 -26.37 15.51 -9.85
CA GLN B 76 -26.63 14.69 -8.66
C GLN B 76 -25.41 13.97 -8.15
N SER B 77 -24.22 14.24 -8.71
CA SER B 77 -22.96 13.56 -8.35
C SER B 77 -22.97 12.03 -8.60
N LEU B 78 -23.77 11.54 -9.53
CA LEU B 78 -23.88 10.10 -9.77
C LEU B 78 -22.98 9.66 -10.93
N LEU B 79 -22.41 10.65 -11.59
CA LEU B 79 -21.59 10.46 -12.75
C LEU B 79 -20.49 11.51 -12.61
N ARG B 80 -19.32 11.22 -13.15
CA ARG B 80 -18.26 12.22 -13.24
C ARG B 80 -17.43 11.96 -14.46
N VAL B 81 -16.71 12.99 -14.93
CA VAL B 81 -15.88 12.88 -16.12
C VAL B 81 -14.45 12.56 -15.69
N GLU B 82 -13.86 11.55 -16.33
CA GLU B 82 -12.47 11.13 -16.08
C GLU B 82 -11.68 11.17 -17.39
N THR B 83 -10.43 11.58 -17.28
CA THR B 83 -9.56 11.77 -18.45
C THR B 83 -9.29 10.43 -19.14
N HIS B 84 -9.53 10.40 -20.46
CA HIS B 84 -9.41 9.22 -21.32
C HIS B 84 -10.61 8.26 -21.20
N LYS B 85 -11.57 8.60 -20.34
CA LYS B 85 -12.73 7.72 -20.08
C LYS B 85 -14.07 8.34 -20.44
N GLY B 86 -14.15 9.68 -20.48
CA GLY B 86 -15.42 10.36 -20.60
C GLY B 86 -16.22 10.28 -19.31
N ALA B 87 -17.55 10.26 -19.45
CA ALA B 87 -18.46 10.17 -18.32
C ALA B 87 -18.49 8.75 -17.82
N VAL B 88 -18.27 8.57 -16.52
CA VAL B 88 -18.37 7.26 -15.87
C VAL B 88 -19.26 7.34 -14.63
N VAL B 89 -19.87 6.21 -14.24
CA VAL B 89 -20.61 6.15 -12.95
C VAL B 89 -19.63 6.51 -11.83
N ALA B 90 -20.06 7.42 -10.95
CA ALA B 90 -19.21 7.89 -9.86
C ALA B 90 -19.26 6.89 -8.70
N PRO B 91 -18.29 6.95 -7.79
CA PRO B 91 -18.33 6.01 -6.65
C PRO B 91 -19.52 6.35 -5.76
N LEU B 92 -20.20 5.33 -5.21
CA LEU B 92 -21.14 5.58 -4.11
C LEU B 92 -20.35 6.01 -2.86
N ILE B 93 -21.06 6.63 -1.94
CA ILE B 93 -20.47 7.29 -0.75
C ILE B 93 -19.70 6.30 0.17
N THR B 94 -19.97 5.01 0.01
CA THR B 94 -19.39 3.97 0.86
C THR B 94 -18.12 3.37 0.25
N GLU B 95 -17.84 3.68 -1.03
CA GLU B 95 -16.81 2.97 -1.80
C GLU B 95 -15.38 3.11 -1.27
N ASP B 96 -15.00 4.32 -0.89
CA ASP B 96 -13.68 4.60 -0.40
C ASP B 96 -13.42 3.89 0.94
N ALA B 97 -14.42 3.86 1.82
CA ALA B 97 -14.34 3.12 3.07
C ALA B 97 -14.18 1.62 2.82
N VAL B 98 -14.91 1.08 1.86
CA VAL B 98 -14.76 -0.33 1.48
C VAL B 98 -13.30 -0.60 1.01
N ASP B 99 -12.81 0.22 0.08
CA ASP B 99 -11.41 0.16 -0.35
C ASP B 99 -10.42 0.28 0.80
N ALA B 100 -10.60 1.29 1.66
CA ALA B 100 -9.70 1.52 2.80
C ALA B 100 -9.61 0.34 3.74
N TYR B 101 -10.76 -0.20 4.13
CA TYR B 101 -10.77 -1.33 5.02
C TYR B 101 -10.21 -2.61 4.39
N ALA B 102 -10.52 -2.85 3.10
CA ALA B 102 -9.92 -3.97 2.35
C ALA B 102 -8.38 -3.90 2.37
N LEU B 103 -7.85 -2.72 2.14
CA LEU B 103 -6.41 -2.48 2.17
C LEU B 103 -5.83 -2.65 3.58
N ARG B 104 -6.51 -2.14 4.60
CA ARG B 104 -6.05 -2.35 5.96
C ARG B 104 -6.00 -3.84 6.33
N ILE B 105 -6.97 -4.61 5.85
CA ILE B 105 -7.00 -6.03 6.15
C ILE B 105 -5.74 -6.66 5.54
N LEU B 106 -5.42 -6.32 4.29
CA LEU B 106 -4.22 -6.81 3.63
C LEU B 106 -2.94 -6.40 4.39
N LEU B 107 -2.79 -5.13 4.68
CA LEU B 107 -1.54 -4.63 5.29
C LEU B 107 -1.37 -5.04 6.75
N GLU B 108 -2.44 -4.91 7.54
CA GLU B 108 -2.37 -5.19 8.97
C GLU B 108 -2.25 -6.67 9.25
N SER B 109 -2.90 -7.51 8.43
CA SER B 109 -2.75 -8.96 8.55
C SER B 109 -1.29 -9.32 8.37
N GLU B 110 -0.61 -8.72 7.40
CA GLU B 110 0.81 -8.94 7.23
C GLU B 110 1.66 -8.38 8.42
N ALA B 111 1.40 -7.15 8.86
CA ALA B 111 2.10 -6.59 10.07
C ALA B 111 1.92 -7.53 11.24
N LEU B 112 0.70 -8.02 11.42
CA LEU B 112 0.41 -8.92 12.54
C LEU B 112 1.15 -10.25 12.47
N ARG B 113 1.24 -10.88 11.30
CA ARG B 113 1.96 -12.13 11.21
C ARG B 113 3.50 -11.97 11.27
N LEU B 114 4.04 -10.82 10.89
CA LEU B 114 5.47 -10.51 11.16
C LEU B 114 5.76 -10.22 12.66
N SER B 115 4.81 -9.54 13.33
CA SER B 115 5.04 -9.06 14.70
C SER B 115 4.79 -10.14 15.78
N ILE B 116 3.70 -10.90 15.68
CA ILE B 116 3.31 -11.83 16.75
C ILE B 116 4.43 -12.79 17.18
N PRO B 117 5.14 -13.40 16.23
CA PRO B 117 6.23 -14.28 16.60
C PRO B 117 7.29 -13.64 17.48
N LEU B 118 7.43 -12.31 17.41
CA LEU B 118 8.55 -11.58 18.03
C LEU B 118 8.12 -10.73 19.24
N LEU B 119 6.83 -10.60 19.50
CA LEU B 119 6.36 -9.71 20.57
C LEU B 119 6.92 -10.21 21.91
N ASP B 120 7.37 -9.29 22.74
CA ASP B 120 7.92 -9.68 24.04
C ASP B 120 6.95 -9.23 25.14
N ALA B 121 7.34 -9.51 26.39
CA ALA B 121 6.54 -9.18 27.58
C ALA B 121 6.20 -7.69 27.68
N ASP B 122 7.11 -6.82 27.22
CA ASP B 122 6.89 -5.39 27.34
C ASP B 122 5.81 -5.01 26.37
N ASP B 123 5.87 -5.54 25.15
CA ASP B 123 4.83 -5.32 24.14
C ASP B 123 3.45 -5.76 24.61
N LEU B 124 3.42 -6.95 25.20
CA LEU B 124 2.13 -7.54 25.63
C LEU B 124 1.53 -6.83 26.82
N ALA B 125 2.40 -6.28 27.69
CA ALA B 125 1.97 -5.42 28.81
C ALA B 125 1.45 -4.05 28.32
N ALA B 126 2.12 -3.44 27.34
CA ALA B 126 1.63 -2.17 26.80
C ALA B 126 0.26 -2.36 26.17
N ALA B 127 0.06 -3.49 25.48
CA ALA B 127 -1.21 -3.79 24.85
C ALA B 127 -2.33 -3.95 25.86
N ALA B 128 -2.02 -4.65 26.97
CA ALA B 128 -2.99 -4.91 28.05
C ALA B 128 -3.43 -3.62 28.73
N SER B 129 -2.44 -2.76 28.99
CA SER B 129 -2.65 -1.41 29.49
C SER B 129 -3.56 -0.60 28.62
N TYR B 130 -3.39 -0.64 27.29
CA TYR B 130 -4.29 0.11 26.40
C TYR B 130 -5.72 -0.40 26.42
N ILE B 131 -5.92 -1.72 26.42
CA ILE B 131 -7.29 -2.23 26.52
C ILE B 131 -7.93 -1.85 27.85
N GLU B 132 -7.16 -1.99 28.92
CA GLU B 132 -7.67 -1.64 30.26
C GLU B 132 -8.10 -0.18 30.32
N GLN B 133 -7.35 0.70 29.67
CA GLN B 133 -7.72 2.11 29.63
C GLN B 133 -8.95 2.35 28.76
N LEU B 134 -9.06 1.59 27.65
CA LEU B 134 -10.27 1.56 26.81
C LEU B 134 -11.51 1.13 27.57
N GLU B 135 -11.38 0.10 28.42
CA GLU B 135 -12.54 -0.35 29.23
C GLU B 135 -13.16 0.78 30.07
N VAL B 136 -12.38 1.73 30.56
CA VAL B 136 -12.88 2.70 31.51
C VAL B 136 -13.00 4.09 30.90
N GLU B 137 -12.69 4.22 29.60
CA GLU B 137 -12.69 5.52 28.95
C GLU B 137 -14.09 5.93 28.53
N THR B 138 -14.42 7.20 28.71
CA THR B 138 -15.74 7.71 28.32
C THR B 138 -15.64 8.81 27.27
N ASP B 139 -14.51 9.51 27.21
CA ASP B 139 -14.30 10.53 26.20
C ASP B 139 -14.13 9.90 24.80
N PHE B 140 -14.95 10.32 23.84
CA PHE B 140 -14.92 9.73 22.50
C PHE B 140 -13.62 9.96 21.72
N GLY B 141 -12.98 11.10 21.96
CA GLY B 141 -11.67 11.40 21.39
C GLY B 141 -10.56 10.55 21.99
N GLN B 142 -10.69 10.17 23.25
CA GLN B 142 -9.70 9.29 23.87
C GLN B 142 -9.86 7.85 23.44
N ILE B 143 -11.09 7.46 23.04
CA ILE B 143 -11.37 6.11 22.60
C ILE B 143 -10.64 5.81 21.28
N GLY B 144 -10.66 6.78 20.36
CA GLY B 144 -9.96 6.63 19.07
C GLY B 144 -8.47 6.55 19.22
N ARG B 145 -7.91 7.38 20.10
CA ARG B 145 -6.47 7.30 20.39
C ARG B 145 -6.03 5.98 21.00
N LEU B 146 -6.81 5.47 21.96
CA LEU B 146 -6.41 4.29 22.68
C LEU B 146 -6.56 3.07 21.79
N ASN B 147 -7.56 3.08 20.90
CA ASN B 147 -7.80 1.95 20.01
C ASN B 147 -6.63 1.85 19.04
N ARG B 148 -6.15 3.01 18.62
CA ARG B 148 -5.00 3.10 17.75
C ARG B 148 -3.76 2.54 18.40
N MSE B 149 -3.53 2.99 19.64
CA MSE B 149 -2.37 2.57 20.41
C MSE B 149 -2.35 1.10 20.66
O MSE B 149 -1.31 0.49 20.53
CB MSE B 149 -2.29 3.31 21.74
CG MSE B 149 -2.01 4.76 21.64
SE MSE B 149 -0.49 5.20 20.53
CE MSE B 149 0.93 4.18 21.36
N PHE B 150 -3.53 0.54 20.98
CA PHE B 150 -3.66 -0.88 21.17
C PHE B 150 -3.23 -1.63 19.92
N HIS B 151 -3.76 -1.22 18.76
CA HIS B 151 -3.53 -1.96 17.53
C HIS B 151 -2.03 -1.81 17.16
N LEU B 152 -1.47 -0.60 17.27
CA LEU B 152 -0.02 -0.37 17.09
C LEU B 152 0.85 -1.20 18.02
N SER B 153 0.44 -1.41 19.26
CA SER B 153 1.21 -2.26 20.20
C SER B 153 1.35 -3.70 19.69
N LEU B 154 0.35 -4.18 18.94
CA LEU B 154 0.40 -5.52 18.37
C LEU B 154 1.35 -5.59 17.19
N TYR B 155 1.60 -4.45 16.57
CA TYR B 155 2.47 -4.38 15.41
C TYR B 155 3.87 -3.88 15.81
N ALA B 156 4.22 -3.88 17.10
CA ALA B 156 5.45 -3.29 17.58
C ALA B 156 6.70 -3.94 17.06
N LYS B 157 6.57 -5.19 16.58
CA LYS B 157 7.74 -5.95 16.08
C LYS B 157 7.67 -6.25 14.57
N THR B 158 6.75 -5.58 13.86
CA THR B 158 6.71 -5.57 12.42
C THR B 158 8.02 -4.96 11.86
N HIS B 159 8.79 -5.81 11.19
CA HIS B 159 10.13 -5.48 10.65
C HIS B 159 10.16 -5.24 9.12
N ASN B 160 9.20 -4.44 8.65
CA ASN B 160 9.20 -3.82 7.33
C ASN B 160 8.72 -2.38 7.50
N LYS B 161 9.62 -1.44 7.29
CA LYS B 161 9.38 -0.04 7.61
C LYS B 161 8.43 0.62 6.62
N ARG B 162 8.49 0.21 5.36
CA ARG B 162 7.53 0.69 4.38
C ARG B 162 6.11 0.24 4.70
N LEU B 163 5.97 -1.03 5.04
CA LEU B 163 4.70 -1.56 5.45
C LEU B 163 4.16 -0.80 6.67
N MSE B 164 5.02 -0.57 7.64
CA MSE B 164 4.59 0.09 8.85
C MSE B 164 4.12 1.52 8.64
O MSE B 164 3.14 1.93 9.23
CB MSE B 164 5.67 0.02 9.91
CG MSE B 164 5.58 -1.31 10.62
SE MSE B 164 3.74 -1.66 11.29
CE MSE B 164 3.78 -0.42 12.74
N ARG B 165 4.78 2.25 7.79
CA ARG B 165 4.34 3.58 7.42
C ARG B 165 2.93 3.56 6.81
N LEU B 166 2.63 2.59 5.95
CA LEU B 166 1.28 2.50 5.38
C LEU B 166 0.24 2.11 6.45
N VAL B 167 0.63 1.21 7.34
CA VAL B 167 -0.19 0.77 8.43
C VAL B 167 -0.55 1.94 9.36
N GLU B 168 0.46 2.72 9.75
CA GLU B 168 0.20 3.88 10.60
C GLU B 168 -0.74 4.89 9.97
N GLU B 169 -0.53 5.08 8.69
CA GLU B 169 -1.32 5.99 7.89
C GLU B 169 -2.81 5.56 7.90
N GLY B 170 -3.09 4.27 7.73
CA GLY B 170 -4.47 3.79 7.83
C GLY B 170 -5.02 3.94 9.23
N LEU B 171 -4.20 3.67 10.24
CA LEU B 171 -4.65 3.80 11.65
C LEU B 171 -4.89 5.26 12.04
N ASN B 172 -4.08 6.18 11.53
CA ASN B 172 -4.26 7.61 11.75
C ASN B 172 -5.58 8.05 11.12
N GLU B 173 -5.81 7.59 9.91
CA GLU B 173 -7.04 7.94 9.23
C GLU B 173 -8.26 7.43 10.04
N GLU B 174 -8.13 6.25 10.64
CA GLU B 174 -9.24 5.67 11.41
C GLU B 174 -9.46 6.46 12.69
N GLU B 175 -8.38 6.78 13.38
CA GLU B 175 -8.46 7.58 14.58
C GLU B 175 -9.18 8.93 14.31
N ARG B 176 -8.76 9.64 13.26
CA ARG B 176 -9.41 10.88 12.83
C ARG B 176 -10.91 10.68 12.59
N PHE B 177 -11.27 9.61 11.88
CA PHE B 177 -12.67 9.26 11.68
C PHE B 177 -13.44 9.10 13.00
N LEU B 178 -12.85 8.37 13.96
CA LEU B 178 -13.54 8.04 15.20
C LEU B 178 -13.63 9.24 16.15
N ARG B 179 -12.59 10.08 16.15
CA ARG B 179 -12.59 11.32 16.91
C ARG B 179 -13.74 12.22 16.47
N PHE B 180 -13.93 12.35 15.16
CA PHE B 180 -14.98 13.22 14.60
C PHE B 180 -16.36 12.59 14.45
N ASN B 181 -16.47 11.27 14.47
CA ASN B 181 -17.74 10.62 14.14
C ASN B 181 -18.29 9.63 15.15
N LEU B 182 -17.49 9.14 16.08
CA LEU B 182 -17.93 8.05 16.95
C LEU B 182 -19.11 8.48 17.82
N SER B 183 -19.11 9.73 18.29
CA SER B 183 -20.28 10.32 18.99
C SER B 183 -21.58 10.03 18.24
N SER B 184 -21.54 10.31 16.94
CA SER B 184 -22.74 10.37 16.14
C SER B 184 -23.16 9.02 15.54
N MSE B 185 -22.39 7.97 15.79
CA MSE B 185 -22.67 6.65 15.22
C MSE B 185 -23.69 5.88 16.06
O MSE B 185 -24.23 6.40 17.04
CB MSE B 185 -21.38 5.85 15.08
CG MSE B 185 -20.42 6.45 14.03
SE MSE B 185 -18.75 5.52 13.74
CE MSE B 185 -19.44 3.97 12.77
N SER B 191 -17.66 -2.56 24.72
CA SER B 191 -17.22 -3.53 23.69
C SER B 191 -15.69 -3.80 23.55
N GLN B 192 -14.97 -4.25 24.60
CA GLN B 192 -13.56 -4.64 24.39
C GLN B 192 -13.29 -6.12 24.12
N ASP B 193 -14.34 -6.94 24.09
CA ASP B 193 -14.16 -8.40 23.96
C ASP B 193 -13.30 -8.81 22.75
N ASP B 194 -13.48 -8.16 21.60
CA ASP B 194 -12.66 -8.45 20.40
C ASP B 194 -11.19 -8.12 20.66
N HIS B 195 -10.93 -7.01 21.30
CA HIS B 195 -9.57 -6.61 21.68
C HIS B 195 -8.87 -7.61 22.59
N TRP B 196 -9.58 -8.08 23.60
CA TRP B 196 -9.08 -9.08 24.52
C TRP B 196 -8.76 -10.38 23.79
N GLN B 197 -9.67 -10.77 22.89
CA GLN B 197 -9.46 -11.95 22.06
C GLN B 197 -8.19 -11.80 21.22
N LEU B 198 -8.00 -10.65 20.58
CA LEU B 198 -6.77 -10.41 19.81
C LEU B 198 -5.54 -10.52 20.69
N LEU B 199 -5.58 -9.86 21.86
CA LEU B 199 -4.49 -9.98 22.82
C LEU B 199 -4.27 -11.44 23.25
N ARG B 200 -5.31 -12.18 23.59
CA ARG B 200 -5.15 -13.57 24.01
C ARG B 200 -4.46 -14.39 22.94
N LEU B 201 -4.86 -14.23 21.70
CA LEU B 201 -4.26 -15.01 20.61
C LEU B 201 -2.81 -14.56 20.32
N ALA B 202 -2.53 -13.27 20.42
CA ALA B 202 -1.14 -12.80 20.26
C ALA B 202 -0.26 -13.32 21.40
N GLU B 203 -0.75 -13.33 22.64
CA GLU B 203 -0.01 -13.90 23.79
C GLU B 203 0.38 -15.37 23.53
N GLN B 204 -0.54 -16.11 22.95
CA GLN B 204 -0.32 -17.54 22.71
C GLN B 204 0.53 -17.76 21.47
N LYS B 205 0.88 -16.67 20.79
CA LYS B 205 1.48 -16.70 19.46
C LYS B 205 0.68 -17.59 18.51
N ALA B 206 -0.64 -17.44 18.56
CA ALA B 206 -1.50 -18.18 17.65
C ALA B 206 -1.68 -17.24 16.46
N VAL B 207 -0.75 -17.32 15.51
CA VAL B 207 -0.57 -16.27 14.54
C VAL B 207 -1.77 -16.09 13.60
N GLU B 208 -2.15 -17.15 12.90
CA GLU B 208 -3.21 -17.05 11.95
C GLU B 208 -4.55 -16.90 12.63
N PRO B 209 -4.80 -17.63 13.73
CA PRO B 209 -6.03 -17.29 14.45
C PRO B 209 -6.10 -15.81 14.83
N CYS B 210 -4.98 -15.22 15.24
CA CYS B 210 -4.98 -13.80 15.52
C CYS B 210 -5.31 -12.96 14.28
N VAL B 211 -4.70 -13.30 13.15
CA VAL B 211 -4.98 -12.63 11.90
C VAL B 211 -6.48 -12.74 11.54
N GLU B 212 -7.04 -13.94 11.66
CA GLU B 212 -8.45 -14.16 11.37
C GLU B 212 -9.36 -13.33 12.22
N ALA B 213 -9.02 -13.24 13.51
CA ALA B 213 -9.71 -12.39 14.45
C ALA B 213 -9.61 -10.90 14.06
N LEU B 214 -8.43 -10.45 13.58
CA LEU B 214 -8.29 -9.06 13.12
C LEU B 214 -9.17 -8.77 11.92
N GLN B 215 -9.20 -9.70 10.96
CA GLN B 215 -10.01 -9.56 9.75
C GLN B 215 -11.50 -9.45 10.11
N TYR B 216 -11.94 -10.31 11.00
CA TYR B 216 -13.32 -10.21 11.47
C TYR B 216 -13.57 -8.82 12.11
N HIS B 217 -12.68 -8.38 12.99
CA HIS B 217 -12.77 -7.05 13.65
C HIS B 217 -12.87 -5.94 12.59
N LEU B 218 -11.97 -5.92 11.59
CA LEU B 218 -11.99 -4.88 10.54
C LEU B 218 -13.26 -4.98 9.62
N ASN B 219 -13.74 -6.20 9.40
CA ASN B 219 -14.95 -6.34 8.59
C ASN B 219 -16.18 -5.84 9.34
N ARG B 220 -16.21 -5.95 10.67
CA ARG B 220 -17.28 -5.32 11.46
C ARG B 220 -17.11 -3.81 11.44
N GLY B 221 -15.89 -3.35 11.57
CA GLY B 221 -15.61 -1.92 11.41
C GLY B 221 -16.12 -1.32 10.11
N VAL B 222 -15.79 -1.92 8.96
CA VAL B 222 -16.22 -1.36 7.67
C VAL B 222 -17.74 -1.37 7.54
N GLN B 223 -18.37 -2.41 8.09
CA GLN B 223 -19.84 -2.47 8.08
C GLN B 223 -20.47 -1.35 8.92
N ALA B 224 -19.88 -1.04 10.06
CA ALA B 224 -20.35 0.07 10.88
C ALA B 224 -20.11 1.40 10.18
N VAL B 225 -18.92 1.57 9.62
CA VAL B 225 -18.60 2.81 8.90
C VAL B 225 -19.50 3.05 7.69
N THR B 226 -19.70 2.05 6.84
CA THR B 226 -20.53 2.22 5.66
C THR B 226 -22.00 2.48 6.04
N GLN B 227 -22.48 1.77 7.06
CA GLN B 227 -23.84 1.94 7.54
C GLN B 227 -24.10 3.37 8.02
N TYR B 228 -23.13 3.90 8.74
CA TYR B 228 -23.16 5.28 9.20
C TYR B 228 -23.12 6.29 8.05
N LEU B 229 -22.27 6.07 7.04
CA LEU B 229 -22.20 6.98 5.89
C LEU B 229 -23.52 7.03 5.12
N GLN B 230 -24.12 5.85 4.90
CA GLN B 230 -25.45 5.73 4.33
C GLN B 230 -26.50 6.54 5.11
N SER B 231 -26.46 6.42 6.44
CA SER B 231 -27.31 7.25 7.34
C SER B 231 -27.18 8.75 7.09
N GLN B 232 -25.95 9.18 6.87
CA GLN B 232 -25.58 10.57 6.49
C GLN B 232 -25.15 11.33 7.75
NI NI C . 8.51 -8.55 -15.33
NI NI D . -10.26 -1.92 17.45
#